data_1OJZ
#
_entry.id   1OJZ
#
_cell.length_a   41.900
_cell.length_b   65.080
_cell.length_c   75.070
_cell.angle_alpha   90.00
_cell.angle_beta   90.00
_cell.angle_gamma   90.00
#
_symmetry.space_group_name_H-M   'P 21 21 21'
#
loop_
_entity.id
_entity.type
_entity.pdbx_description
1 polymer ADP-RIBOSYLTRANSFERASE
2 non-polymer NICOTINAMIDE-ADENINE-DINUCLEOTIDE
3 water water
#
_entity_poly.entity_id   1
_entity_poly.type   'polypeptide(L)'
_entity_poly.pdbx_seq_one_letter_code
;AETKNFTDLVEATKWGNSLIKSAKYSSKDKMAIYNYTKNSSPINTPLRSANGDVNKLSENIQEQVRQLDSTISKSVTPDS
VYVYRLLNLDYLSSITGFTREDLHMLQQTNNGQYNEALVSKLNNLMNSRIYRENGYSSTQLVSGAALAGRPIELKLELPK
GTKAAYIDSKELTAYPGQQEVLLPRGTEYAVGSVKLSDNKRKIIITAVVFKK
;
_entity_poly.pdbx_strand_id   A
#
# COMPACT_ATOMS: atom_id res chain seq x y z
N ALA A 1 18.77 12.41 -9.71
CA ALA A 1 17.66 13.03 -8.93
C ALA A 1 17.38 12.22 -7.67
N GLU A 2 16.83 12.90 -6.66
CA GLU A 2 16.53 12.25 -5.39
C GLU A 2 15.08 11.79 -5.29
N THR A 3 14.82 10.96 -4.28
CA THR A 3 13.49 10.41 -4.04
C THR A 3 12.40 11.48 -3.89
N LYS A 4 11.25 11.22 -4.49
CA LYS A 4 10.12 12.12 -4.43
C LYS A 4 9.24 11.82 -3.22
N ASN A 5 8.64 12.87 -2.68
CA ASN A 5 7.72 12.75 -1.55
C ASN A 5 6.76 13.90 -1.78
N PHE A 6 5.56 13.58 -2.24
CA PHE A 6 4.55 14.57 -2.55
C PHE A 6 3.66 15.00 -1.39
N THR A 7 3.44 16.30 -1.29
CA THR A 7 2.59 16.90 -0.27
C THR A 7 1.59 17.80 -1.01
N ASP A 8 1.90 18.09 -2.27
CA ASP A 8 1.03 18.92 -3.09
C ASP A 8 0.29 18.03 -4.09
N LEU A 9 -1.03 18.12 -4.09
CA LEU A 9 -1.85 17.31 -4.97
C LEU A 9 -1.62 17.59 -6.45
N VAL A 10 -1.44 18.85 -6.80
CA VAL A 10 -1.21 19.19 -8.21
C VAL A 10 0.08 18.58 -8.74
N GLU A 11 1.14 18.63 -7.94
CA GLU A 11 2.42 18.08 -8.36
C GLU A 11 2.32 16.57 -8.49
N ALA A 12 1.58 15.95 -7.57
CA ALA A 12 1.38 14.50 -7.58
C ALA A 12 0.60 14.08 -8.82
N THR A 13 -0.47 14.80 -9.11
CA THR A 13 -1.30 14.51 -10.27
C THR A 13 -0.47 14.59 -11.55
N LYS A 14 0.35 15.63 -11.64
CA LYS A 14 1.21 15.82 -12.81
C LYS A 14 2.16 14.64 -12.95
N TRP A 15 2.79 14.26 -11.83
CA TRP A 15 3.71 13.14 -11.84
C TRP A 15 2.96 11.85 -12.19
N GLY A 16 1.81 11.64 -11.56
CA GLY A 16 1.05 10.43 -11.83
C GLY A 16 0.58 10.28 -13.27
N ASN A 17 0.12 11.38 -13.85
CA ASN A 17 -0.35 11.39 -15.23
C ASN A 17 0.72 10.88 -16.18
N SER A 18 1.98 11.15 -15.86
CA SER A 18 3.08 10.70 -16.72
C SER A 18 3.09 9.18 -16.77
N LEU A 19 2.79 8.54 -15.63
CA LEU A 19 2.75 7.08 -15.59
C LEU A 19 1.58 6.60 -16.42
N ILE A 20 0.44 7.27 -16.26
CA ILE A 20 -0.76 6.92 -17.01
C ILE A 20 -0.49 7.01 -18.51
N LYS A 21 0.19 8.07 -18.93
CA LYS A 21 0.52 8.26 -20.35
C LYS A 21 1.46 7.18 -20.86
N SER A 22 2.46 6.82 -20.05
CA SER A 22 3.42 5.80 -20.45
C SER A 22 2.76 4.43 -20.49
N ALA A 23 1.69 4.28 -19.72
CA ALA A 23 0.98 3.00 -19.63
C ALA A 23 0.28 2.65 -20.94
N LYS A 24 -0.33 3.63 -21.59
CA LYS A 24 -1.04 3.40 -22.84
C LYS A 24 -2.11 2.32 -22.61
N TYR A 25 -2.94 2.53 -21.60
CA TYR A 25 -4.01 1.60 -21.24
C TYR A 25 -5.02 1.39 -22.36
N SER A 26 -5.50 0.15 -22.47
CA SER A 26 -6.51 -0.20 -23.46
C SER A 26 -7.82 -0.23 -22.67
N SER A 27 -8.95 -0.51 -23.34
CA SER A 27 -10.23 -0.57 -22.65
C SER A 27 -10.20 -1.70 -21.62
N LYS A 28 -9.46 -2.76 -21.94
CA LYS A 28 -9.34 -3.91 -21.06
C LYS A 28 -8.58 -3.53 -19.79
N ASP A 29 -7.59 -2.65 -19.94
CA ASP A 29 -6.79 -2.20 -18.80
C ASP A 29 -7.66 -1.34 -17.90
N LYS A 30 -8.38 -0.40 -18.51
CA LYS A 30 -9.25 0.50 -17.77
C LYS A 30 -10.32 -0.25 -16.97
N MET A 31 -10.86 -1.29 -17.58
CA MET A 31 -11.90 -2.09 -16.93
C MET A 31 -11.35 -2.84 -15.72
N ALA A 32 -10.14 -3.38 -15.85
CA ALA A 32 -9.51 -4.12 -14.77
C ALA A 32 -9.24 -3.23 -13.57
N ILE A 33 -8.66 -2.06 -13.84
CA ILE A 33 -8.35 -1.13 -12.77
C ILE A 33 -9.62 -0.64 -12.07
N TYR A 34 -10.58 -0.15 -12.86
CA TYR A 34 -11.82 0.35 -12.30
C TYR A 34 -12.55 -0.67 -11.43
N ASN A 35 -12.80 -1.85 -11.98
CA ASN A 35 -13.50 -2.89 -11.25
C ASN A 35 -12.79 -3.28 -9.96
N TYR A 36 -11.46 -3.18 -9.95
CA TYR A 36 -10.72 -3.54 -8.75
C TYR A 36 -10.93 -2.49 -7.67
N THR A 37 -10.84 -1.22 -8.04
CA THR A 37 -11.05 -0.13 -7.09
C THR A 37 -12.46 -0.12 -6.53
N LYS A 38 -13.42 -0.58 -7.32
CA LYS A 38 -14.82 -0.61 -6.91
C LYS A 38 -15.23 -1.83 -6.09
N ASN A 39 -14.64 -2.98 -6.41
CA ASN A 39 -14.98 -4.24 -5.77
C ASN A 39 -13.78 -5.18 -5.82
N SER A 40 -12.83 -4.98 -4.92
CA SER A 40 -11.60 -5.78 -4.90
C SER A 40 -11.61 -7.02 -4.01
N SER A 41 -12.57 -7.13 -3.10
CA SER A 41 -12.62 -8.28 -2.20
C SER A 41 -12.64 -9.64 -2.91
N PRO A 42 -13.40 -9.75 -4.01
CA PRO A 42 -13.46 -11.03 -4.73
C PRO A 42 -12.07 -11.50 -5.21
N ILE A 43 -11.14 -10.56 -5.33
CA ILE A 43 -9.80 -10.88 -5.81
C ILE A 43 -8.72 -11.00 -4.72
N ASN A 44 -8.60 -9.98 -3.88
CA ASN A 44 -7.58 -10.01 -2.84
C ASN A 44 -7.82 -10.95 -1.67
N THR A 45 -9.08 -11.23 -1.32
CA THR A 45 -9.34 -12.13 -0.20
C THR A 45 -8.84 -13.53 -0.54
N PRO A 46 -9.24 -14.07 -1.70
CA PRO A 46 -8.75 -15.41 -2.06
C PRO A 46 -7.24 -15.44 -2.25
N LEU A 47 -6.67 -14.34 -2.74
CA LEU A 47 -5.22 -14.28 -2.92
C LEU A 47 -4.55 -14.37 -1.54
N ARG A 48 -5.08 -13.62 -0.58
CA ARG A 48 -4.50 -13.65 0.76
C ARG A 48 -4.70 -15.01 1.42
N SER A 49 -5.83 -15.66 1.14
CA SER A 49 -6.11 -16.96 1.73
C SER A 49 -5.18 -18.07 1.24
N ALA A 50 -4.55 -17.88 0.09
CA ALA A 50 -3.66 -18.89 -0.45
C ALA A 50 -2.28 -18.31 -0.80
N ASN A 51 -1.80 -17.38 0.01
CA ASN A 51 -0.53 -16.71 -0.27
C ASN A 51 -0.63 -16.14 -1.68
N GLY A 52 0.50 -15.96 -2.35
CA GLY A 52 0.44 -15.42 -3.69
C GLY A 52 0.18 -16.52 -4.72
N ASP A 53 -0.38 -17.63 -4.28
CA ASP A 53 -0.63 -18.75 -5.19
C ASP A 53 -1.91 -18.65 -6.00
N VAL A 54 -1.80 -18.09 -7.19
CA VAL A 54 -2.93 -17.90 -8.08
C VAL A 54 -3.51 -19.24 -8.56
N ASN A 55 -2.72 -20.30 -8.49
CA ASN A 55 -3.14 -21.61 -8.95
C ASN A 55 -4.18 -22.31 -8.08
N LYS A 56 -4.44 -21.75 -6.90
CA LYS A 56 -5.43 -22.32 -6.01
C LYS A 56 -6.76 -21.59 -6.15
N LEU A 57 -6.80 -20.58 -7.01
CA LEU A 57 -7.99 -19.77 -7.21
C LEU A 57 -8.93 -20.31 -8.30
N SER A 58 -10.18 -19.87 -8.27
CA SER A 58 -11.15 -20.29 -9.27
C SER A 58 -10.70 -19.71 -10.61
N GLU A 59 -11.16 -20.30 -11.71
CA GLU A 59 -10.75 -19.84 -13.04
C GLU A 59 -11.04 -18.37 -13.35
N ASN A 60 -12.23 -17.89 -13.00
CA ASN A 60 -12.57 -16.50 -13.25
C ASN A 60 -11.59 -15.57 -12.54
N ILE A 61 -11.27 -15.88 -11.29
CA ILE A 61 -10.35 -15.03 -10.53
C ILE A 61 -8.91 -15.10 -11.04
N GLN A 62 -8.46 -16.26 -11.50
CA GLN A 62 -7.11 -16.38 -12.03
C GLN A 62 -6.97 -15.48 -13.27
N GLU A 63 -8.01 -15.47 -14.11
CA GLU A 63 -7.95 -14.66 -15.31
C GLU A 63 -7.87 -13.18 -14.97
N GLN A 64 -8.68 -12.74 -14.00
CA GLN A 64 -8.67 -11.35 -13.60
C GLN A 64 -7.33 -10.96 -12.97
N VAL A 65 -6.73 -11.88 -12.24
CA VAL A 65 -5.45 -11.61 -11.59
C VAL A 65 -4.36 -11.49 -12.65
N ARG A 66 -4.29 -12.44 -13.58
CA ARG A 66 -3.30 -12.34 -14.63
C ARG A 66 -3.50 -11.04 -15.41
N GLN A 67 -4.75 -10.66 -15.62
CA GLN A 67 -5.03 -9.42 -16.35
C GLN A 67 -4.52 -8.20 -15.59
N LEU A 68 -4.90 -8.07 -14.32
CA LEU A 68 -4.47 -6.92 -13.53
C LEU A 68 -2.94 -6.90 -13.34
N ASP A 69 -2.34 -8.08 -13.22
CA ASP A 69 -0.90 -8.14 -13.07
C ASP A 69 -0.29 -7.49 -14.31
N SER A 70 -0.83 -7.85 -15.47
CA SER A 70 -0.35 -7.31 -16.74
C SER A 70 -0.57 -5.81 -16.88
N THR A 71 -1.70 -5.32 -16.40
CA THR A 71 -2.00 -3.89 -16.50
C THR A 71 -1.03 -3.06 -15.66
N ILE A 72 -0.85 -3.48 -14.41
CA ILE A 72 0.05 -2.78 -13.49
C ILE A 72 1.48 -2.74 -14.03
N SER A 73 1.94 -3.85 -14.60
CA SER A 73 3.31 -3.91 -15.13
C SER A 73 3.50 -3.02 -16.36
N LYS A 74 2.44 -2.38 -16.84
CA LYS A 74 2.55 -1.52 -18.02
C LYS A 74 3.21 -0.16 -17.75
N SER A 75 3.42 0.16 -16.47
CA SER A 75 4.05 1.43 -16.13
C SER A 75 4.98 1.23 -14.94
N VAL A 76 6.03 2.03 -14.87
CA VAL A 76 6.97 1.94 -13.78
C VAL A 76 7.26 3.35 -13.28
N THR A 77 7.77 3.45 -12.07
CA THR A 77 8.07 4.76 -11.50
C THR A 77 9.25 5.41 -12.22
N PRO A 78 9.10 6.69 -12.61
CA PRO A 78 10.18 7.40 -13.30
C PRO A 78 11.22 7.96 -12.32
N ASP A 79 10.86 7.96 -11.03
CA ASP A 79 11.74 8.42 -9.95
C ASP A 79 11.56 7.50 -8.76
N SER A 80 12.51 7.56 -7.84
CA SER A 80 12.42 6.81 -6.60
C SER A 80 11.31 7.62 -5.93
N VAL A 81 10.43 6.99 -5.17
CA VAL A 81 9.34 7.74 -4.54
C VAL A 81 8.66 7.02 -3.37
N TYR A 82 8.10 7.81 -2.47
CA TYR A 82 7.38 7.28 -1.32
C TYR A 82 5.87 7.29 -1.58
N VAL A 83 5.21 6.20 -1.22
CA VAL A 83 3.76 6.12 -1.35
C VAL A 83 3.30 5.68 0.02
N TYR A 84 2.06 6.02 0.37
CA TYR A 84 1.55 5.69 1.68
C TYR A 84 0.36 4.74 1.70
N ARG A 85 0.49 3.67 2.49
CA ARG A 85 -0.56 2.69 2.63
C ARG A 85 -1.13 2.88 4.05
N LEU A 86 -2.30 3.50 4.15
CA LEU A 86 -2.93 3.73 5.43
C LEU A 86 -3.65 2.47 5.85
N LEU A 87 -3.39 2.01 7.07
CA LEU A 87 -3.99 0.77 7.55
C LEU A 87 -4.58 0.88 8.96
N ASN A 88 -5.45 -0.07 9.30
CA ASN A 88 -6.08 -0.13 10.60
C ASN A 88 -5.21 -1.05 11.48
N LEU A 89 -5.48 -1.07 12.78
CA LEU A 89 -4.70 -1.89 13.70
C LEU A 89 -4.77 -3.38 13.48
N ASP A 90 -5.79 -3.83 12.75
CA ASP A 90 -5.92 -5.26 12.47
C ASP A 90 -4.69 -5.77 11.73
N TYR A 91 -4.04 -4.88 10.99
CA TYR A 91 -2.84 -5.22 10.24
C TYR A 91 -1.79 -5.84 11.13
N LEU A 92 -1.70 -5.35 12.36
CA LEU A 92 -0.71 -5.84 13.33
C LEU A 92 -0.93 -7.25 13.83
N SER A 93 -2.08 -7.85 13.55
CA SER A 93 -2.32 -9.20 14.01
C SER A 93 -1.42 -10.16 13.24
N SER A 94 -0.85 -9.66 12.14
CA SER A 94 0.04 -10.46 11.30
C SER A 94 1.51 -10.34 11.70
N ILE A 95 1.79 -9.68 12.81
CA ILE A 95 3.16 -9.50 13.26
C ILE A 95 3.52 -10.43 14.41
N THR A 96 4.52 -11.29 14.19
CA THR A 96 4.95 -12.24 15.21
C THR A 96 5.54 -11.55 16.44
N GLY A 97 5.07 -11.96 17.62
CA GLY A 97 5.59 -11.37 18.85
C GLY A 97 4.71 -10.33 19.50
N PHE A 98 3.79 -9.74 18.73
CA PHE A 98 2.87 -8.73 19.27
C PHE A 98 1.65 -9.53 19.73
N THR A 99 1.46 -9.64 21.04
CA THR A 99 0.35 -10.41 21.61
C THR A 99 -1.03 -9.77 21.51
N ARG A 100 -2.05 -10.60 21.70
CA ARG A 100 -3.43 -10.13 21.68
C ARG A 100 -3.58 -8.99 22.68
N GLU A 101 -2.86 -9.09 23.79
CA GLU A 101 -2.92 -8.08 24.83
C GLU A 101 -2.19 -6.79 24.43
N ASP A 102 -1.12 -6.92 23.67
CA ASP A 102 -0.38 -5.72 23.22
C ASP A 102 -1.32 -4.86 22.38
N LEU A 103 -2.09 -5.51 21.52
CA LEU A 103 -3.06 -4.81 20.67
C LEU A 103 -4.18 -4.23 21.53
N HIS A 104 -4.68 -5.03 22.46
CA HIS A 104 -5.74 -4.58 23.34
C HIS A 104 -5.32 -3.25 23.98
N MET A 105 -4.11 -3.23 24.53
N MET A 105 -4.11 -3.23 24.53
CA MET A 105 -3.57 -2.04 25.18
CA MET A 105 -3.58 -2.04 25.18
C MET A 105 -3.32 -0.93 24.15
C MET A 105 -3.29 -0.94 24.16
N LEU A 106 -2.80 -1.32 22.99
CA LEU A 106 -2.48 -0.36 21.94
C LEU A 106 -3.68 0.51 21.53
N GLN A 107 -4.86 -0.10 21.48
CA GLN A 107 -6.08 0.61 21.09
C GLN A 107 -6.49 1.65 22.12
N GLN A 108 -5.93 1.55 23.32
CA GLN A 108 -6.23 2.47 24.39
C GLN A 108 -5.26 3.64 24.33
N THR A 109 -5.57 4.60 23.47
CA THR A 109 -4.72 5.77 23.30
C THR A 109 -4.94 6.81 24.38
N ASN A 110 -4.04 7.77 24.44
CA ASN A 110 -4.12 8.87 25.39
C ASN A 110 -4.48 10.08 24.54
N ASN A 111 -5.77 10.36 24.43
CA ASN A 111 -6.25 11.48 23.63
C ASN A 111 -5.77 11.31 22.18
N GLY A 112 -5.88 10.09 21.66
CA GLY A 112 -5.48 9.81 20.30
C GLY A 112 -4.06 9.31 20.13
N GLN A 113 -3.17 9.77 21.01
CA GLN A 113 -1.76 9.38 20.96
C GLN A 113 -1.54 7.92 21.34
N TYR A 114 -0.66 7.25 20.61
CA TYR A 114 -0.37 5.84 20.88
C TYR A 114 0.78 5.61 21.85
N ASN A 115 0.68 4.51 22.60
CA ASN A 115 1.67 4.11 23.58
C ASN A 115 3.04 3.97 22.91
N GLU A 116 4.01 4.74 23.39
CA GLU A 116 5.35 4.72 22.84
C GLU A 116 6.06 3.39 23.10
N ALA A 117 5.81 2.80 24.26
CA ALA A 117 6.44 1.52 24.61
C ALA A 117 6.03 0.40 23.65
N LEU A 118 4.75 0.32 23.32
CA LEU A 118 4.27 -0.73 22.42
C LEU A 118 4.76 -0.46 20.99
N VAL A 119 4.96 0.80 20.64
CA VAL A 119 5.45 1.14 19.31
C VAL A 119 6.91 0.73 19.21
N SER A 120 7.64 0.92 20.31
CA SER A 120 9.05 0.54 20.36
C SER A 120 9.12 -0.98 20.24
N LYS A 121 8.17 -1.68 20.85
CA LYS A 121 8.16 -3.14 20.75
C LYS A 121 7.95 -3.53 19.29
N LEU A 122 7.02 -2.86 18.62
CA LEU A 122 6.77 -3.13 17.21
C LEU A 122 8.06 -2.92 16.43
N ASN A 123 8.76 -1.82 16.69
CA ASN A 123 10.02 -1.51 16.01
C ASN A 123 10.99 -2.68 16.17
N ASN A 124 11.09 -3.17 17.41
N ASN A 124 11.11 -3.18 17.40
CA ASN A 124 11.96 -4.29 17.75
CA ASN A 124 12.00 -4.30 17.68
C ASN A 124 11.53 -5.55 17.00
C ASN A 124 11.53 -5.56 16.95
N LEU A 125 10.22 -5.78 16.94
CA LEU A 125 9.65 -6.95 16.28
C LEU A 125 9.69 -6.92 14.75
N MET A 126 9.65 -5.73 14.16
CA MET A 126 9.60 -5.61 12.72
C MET A 126 10.84 -5.12 11.99
N ASN A 127 11.75 -4.46 12.71
CA ASN A 127 12.94 -3.92 12.06
C ASN A 127 13.79 -4.96 11.34
N SER A 128 14.21 -4.59 10.13
CA SER A 128 15.07 -5.41 9.26
C SER A 128 14.38 -6.67 8.73
N ARG A 129 13.06 -6.74 8.86
CA ARG A 129 12.31 -7.89 8.38
C ARG A 129 11.58 -7.61 7.07
N ILE A 130 11.59 -8.61 6.19
CA ILE A 130 10.92 -8.49 4.89
C ILE A 130 9.50 -9.03 4.99
N TYR A 131 8.54 -8.19 4.66
CA TYR A 131 7.14 -8.60 4.69
C TYR A 131 6.64 -8.64 3.28
N ARG A 132 5.58 -9.42 3.04
CA ARG A 132 5.02 -9.52 1.70
C ARG A 132 3.51 -9.42 1.73
N GLU A 133 2.97 -8.52 0.91
CA GLU A 133 1.53 -8.35 0.82
C GLU A 133 1.06 -9.27 -0.30
N ASN A 134 0.26 -10.29 0.04
CA ASN A 134 -0.22 -11.23 -0.98
C ASN A 134 -1.29 -10.65 -1.90
N GLY A 135 -2.06 -9.68 -1.41
CA GLY A 135 -3.05 -9.07 -2.27
C GLY A 135 -2.34 -7.95 -3.00
N TYR A 136 -3.08 -7.14 -3.73
CA TYR A 136 -2.46 -6.00 -4.41
C TYR A 136 -2.33 -4.96 -3.30
N SER A 137 -1.46 -3.97 -3.47
CA SER A 137 -1.28 -2.94 -2.46
C SER A 137 -1.81 -1.59 -2.94
N SER A 138 -2.90 -1.15 -2.30
CA SER A 138 -3.54 0.12 -2.64
C SER A 138 -2.89 1.22 -1.79
N THR A 139 -2.19 2.14 -2.45
CA THR A 139 -1.51 3.21 -1.73
C THR A 139 -1.86 4.60 -2.27
N GLN A 140 -1.35 5.63 -1.60
CA GLN A 140 -1.58 7.00 -2.01
C GLN A 140 -0.26 7.78 -2.11
N LEU A 141 -0.14 8.55 -3.20
CA LEU A 141 1.06 9.37 -3.47
C LEU A 141 1.20 10.47 -2.43
N VAL A 142 0.06 10.91 -1.91
CA VAL A 142 0.04 11.96 -0.89
C VAL A 142 -0.65 11.40 0.34
N SER A 143 0.08 11.33 1.44
CA SER A 143 -0.49 10.80 2.66
C SER A 143 -1.69 11.63 3.08
N GLY A 144 -2.78 10.96 3.45
CA GLY A 144 -3.97 11.68 3.87
C GLY A 144 -4.98 11.97 2.78
N ALA A 145 -4.60 11.74 1.52
CA ALA A 145 -5.51 11.98 0.42
C ALA A 145 -6.71 11.05 0.53
N ALA A 146 -6.57 10.00 1.35
CA ALA A 146 -7.64 9.03 1.55
C ALA A 146 -7.55 8.30 2.89
N LEU A 147 -8.70 8.02 3.49
CA LEU A 147 -8.75 7.31 4.77
C LEU A 147 -7.72 7.88 5.74
N ALA A 148 -7.53 9.19 5.70
CA ALA A 148 -6.55 9.86 6.55
C ALA A 148 -6.73 9.63 8.05
N GLY A 149 -7.88 9.09 8.44
CA GLY A 149 -8.14 8.85 9.85
C GLY A 149 -7.53 7.58 10.41
N ARG A 150 -7.05 6.68 9.53
CA ARG A 150 -6.47 5.41 9.97
C ARG A 150 -5.21 5.54 10.84
N PRO A 151 -5.07 4.65 11.84
CA PRO A 151 -3.98 4.57 12.82
C PRO A 151 -2.56 4.37 12.27
N ILE A 152 -2.41 3.43 11.35
CA ILE A 152 -1.10 3.12 10.80
C ILE A 152 -0.84 3.69 9.43
N GLU A 153 0.39 4.14 9.22
CA GLU A 153 0.79 4.67 7.94
C GLU A 153 2.02 3.88 7.53
N LEU A 154 1.86 3.05 6.51
CA LEU A 154 2.97 2.25 6.01
C LEU A 154 3.64 3.12 4.96
N LYS A 155 4.78 3.72 5.30
CA LYS A 155 5.51 4.59 4.39
C LYS A 155 6.48 3.75 3.57
N LEU A 156 6.16 3.54 2.30
CA LEU A 156 6.94 2.70 1.41
C LEU A 156 7.79 3.41 0.36
N GLU A 157 9.10 3.22 0.42
CA GLU A 157 9.97 3.84 -0.56
C GLU A 157 10.05 2.94 -1.79
N LEU A 158 9.63 3.48 -2.92
CA LEU A 158 9.62 2.71 -4.16
C LEU A 158 10.85 3.04 -5.00
N PRO A 159 11.62 2.01 -5.36
CA PRO A 159 12.81 2.23 -6.18
C PRO A 159 12.41 2.72 -7.57
N LYS A 160 13.31 3.49 -8.20
CA LYS A 160 13.05 3.99 -9.53
C LYS A 160 12.94 2.80 -10.47
N GLY A 161 11.94 2.84 -11.35
CA GLY A 161 11.76 1.75 -12.30
C GLY A 161 10.96 0.55 -11.84
N THR A 162 10.38 0.61 -10.65
CA THR A 162 9.60 -0.52 -10.19
C THR A 162 8.17 -0.40 -10.72
N LYS A 163 7.53 -1.54 -10.98
CA LYS A 163 6.17 -1.56 -11.50
C LYS A 163 5.18 -0.95 -10.52
N ALA A 164 4.37 -0.04 -11.03
CA ALA A 164 3.37 0.65 -10.21
C ALA A 164 2.40 1.39 -11.12
N ALA A 165 1.12 1.38 -10.76
CA ALA A 165 0.13 2.06 -11.57
C ALA A 165 -0.49 3.22 -10.83
N TYR A 166 -0.40 4.40 -11.43
CA TYR A 166 -1.01 5.58 -10.85
C TYR A 166 -2.39 5.55 -11.48
N ILE A 167 -3.44 5.51 -10.65
CA ILE A 167 -4.78 5.42 -11.21
C ILE A 167 -5.77 6.51 -10.81
N ASP A 168 -5.29 7.66 -10.35
CA ASP A 168 -6.22 8.70 -9.95
C ASP A 168 -6.71 9.51 -11.15
N SER A 169 -7.59 8.90 -11.92
CA SER A 169 -8.20 9.53 -13.09
C SER A 169 -9.62 8.98 -13.12
N LYS A 170 -10.58 9.87 -13.38
CA LYS A 170 -12.00 9.53 -13.40
C LYS A 170 -12.41 8.25 -14.12
N GLU A 171 -11.67 7.87 -15.16
CA GLU A 171 -12.03 6.66 -15.90
C GLU A 171 -11.36 5.40 -15.36
N LEU A 172 -10.39 5.58 -14.46
CA LEU A 172 -9.67 4.43 -13.90
C LEU A 172 -10.14 4.01 -12.52
N THR A 173 -10.61 4.97 -11.73
CA THR A 173 -11.06 4.66 -10.37
C THR A 173 -12.47 5.09 -9.99
N ALA A 174 -13.13 4.27 -9.18
CA ALA A 174 -14.48 4.58 -8.71
C ALA A 174 -14.37 5.62 -7.58
N TYR A 175 -13.16 5.83 -7.08
CA TYR A 175 -12.93 6.80 -5.99
C TYR A 175 -11.87 7.82 -6.34
N PRO A 176 -12.20 8.80 -7.18
CA PRO A 176 -11.21 9.81 -7.54
C PRO A 176 -10.78 10.66 -6.35
N GLY A 177 -9.57 11.21 -6.44
CA GLY A 177 -9.07 12.05 -5.36
C GLY A 177 -8.25 11.36 -4.28
N GLN A 178 -8.00 10.06 -4.43
CA GLN A 178 -7.19 9.37 -3.42
C GLN A 178 -5.73 9.25 -3.86
N GLN A 179 -5.38 9.89 -4.97
CA GLN A 179 -4.01 9.85 -5.51
C GLN A 179 -3.47 8.44 -5.41
N GLU A 180 -4.32 7.46 -5.72
CA GLU A 180 -3.93 6.07 -5.60
C GLU A 180 -2.84 5.56 -6.54
N VAL A 181 -1.92 4.79 -5.94
CA VAL A 181 -0.86 4.15 -6.70
C VAL A 181 -1.04 2.69 -6.33
N LEU A 182 -1.36 1.88 -7.33
CA LEU A 182 -1.59 0.47 -7.09
C LEU A 182 -0.33 -0.34 -7.37
N LEU A 183 0.12 -1.05 -6.35
CA LEU A 183 1.33 -1.86 -6.47
C LEU A 183 1.06 -3.32 -6.80
N PRO A 184 2.03 -4.00 -7.44
CA PRO A 184 1.84 -5.40 -7.79
C PRO A 184 1.47 -6.28 -6.59
N ARG A 185 0.75 -7.36 -6.84
CA ARG A 185 0.39 -8.28 -5.76
C ARG A 185 1.74 -8.89 -5.41
N GLY A 186 1.88 -9.37 -4.17
CA GLY A 186 3.15 -9.95 -3.77
C GLY A 186 4.24 -8.92 -3.51
N THR A 187 3.87 -7.67 -3.27
CA THR A 187 4.87 -6.64 -3.01
C THR A 187 5.66 -6.95 -1.74
N GLU A 188 6.98 -6.92 -1.84
CA GLU A 188 7.85 -7.20 -0.71
C GLU A 188 8.48 -5.92 -0.19
N TYR A 189 8.56 -5.79 1.12
CA TYR A 189 9.17 -4.60 1.70
C TYR A 189 9.90 -4.88 3.00
N ALA A 190 11.10 -4.33 3.10
CA ALA A 190 11.95 -4.46 4.28
C ALA A 190 11.74 -3.27 5.20
N VAL A 191 11.25 -3.55 6.40
CA VAL A 191 10.96 -2.52 7.38
C VAL A 191 12.22 -1.87 7.96
N GLY A 192 12.31 -0.56 7.82
CA GLY A 192 13.44 0.17 8.34
C GLY A 192 13.21 0.54 9.80
N SER A 193 12.01 0.99 10.11
CA SER A 193 11.68 1.37 11.47
C SER A 193 10.19 1.51 11.69
N VAL A 194 9.81 1.53 12.97
CA VAL A 194 8.42 1.71 13.36
C VAL A 194 8.47 2.77 14.46
N LYS A 195 7.88 3.92 14.19
CA LYS A 195 7.89 5.02 15.15
C LYS A 195 6.55 5.73 15.18
N LEU A 196 6.39 6.60 16.17
CA LEU A 196 5.17 7.38 16.30
C LEU A 196 5.32 8.56 15.35
N SER A 197 4.20 9.02 14.80
CA SER A 197 4.22 10.17 13.91
C SER A 197 4.71 11.35 14.74
N ASP A 198 4.90 12.48 14.09
CA ASP A 198 5.35 13.66 14.80
C ASP A 198 4.37 14.03 15.90
N ASN A 199 3.06 13.87 15.64
CA ASN A 199 2.05 14.21 16.65
C ASN A 199 1.64 13.00 17.51
N LYS A 200 2.33 11.89 17.32
CA LYS A 200 2.07 10.68 18.10
C LYS A 200 0.65 10.12 17.93
N ARG A 201 -0.08 10.60 16.94
CA ARG A 201 -1.44 10.12 16.74
C ARG A 201 -1.54 9.01 15.69
N LYS A 202 -0.40 8.68 15.10
CA LYS A 202 -0.32 7.61 14.10
C LYS A 202 0.99 6.84 14.29
N ILE A 203 0.99 5.59 13.86
CA ILE A 203 2.17 4.75 13.95
C ILE A 203 2.73 4.67 12.54
N ILE A 204 3.97 5.13 12.35
CA ILE A 204 4.59 5.11 11.03
C ILE A 204 5.54 3.94 10.87
N ILE A 205 5.28 3.11 9.86
CA ILE A 205 6.11 1.96 9.55
C ILE A 205 6.81 2.31 8.25
N THR A 206 8.09 2.64 8.34
CA THR A 206 8.86 3.00 7.14
C THR A 206 9.59 1.79 6.61
N ALA A 207 9.44 1.53 5.32
CA ALA A 207 10.06 0.38 4.67
C ALA A 207 10.48 0.68 3.25
N VAL A 208 11.36 -0.18 2.73
CA VAL A 208 11.83 -0.04 1.36
C VAL A 208 11.34 -1.22 0.55
N VAL A 209 10.66 -0.91 -0.55
CA VAL A 209 10.12 -1.92 -1.44
C VAL A 209 11.19 -2.48 -2.39
N PHE A 210 11.14 -3.79 -2.64
CA PHE A 210 12.08 -4.40 -3.57
C PHE A 210 11.55 -4.21 -4.98
N LYS A 211 12.38 -3.64 -5.85
CA LYS A 211 11.99 -3.38 -7.23
C LYS A 211 11.32 -4.60 -7.82
N LYS A 212 10.16 -4.38 -8.43
CA LYS A 212 9.38 -5.43 -9.05
C LYS A 212 9.17 -5.10 -10.52
#